data_7UJ2
#
_entry.id   7UJ2
#
_cell.length_a   42.931
_cell.length_b   44.085
_cell.length_c   68.806
_cell.angle_alpha   90.000
_cell.angle_beta   103.830
_cell.angle_gamma   90.000
#
_symmetry.space_group_name_H-M   'P 1 21 1'
#
loop_
_entity.id
_entity.type
_entity.pdbx_description
1 polymer 'Outer surface protein C'
2 non-polymer 'CHLORIDE ION'
3 non-polymer 1,2-ETHANEDIOL
4 water water
#
_entity_poly.entity_id   1
_entity_poly.type   'polypeptide(L)'
_entity_poly.pdbx_seq_one_letter_code
;KGPNLTEISKKITDSNAVLLAVKEVEALLSSIDELAKAIGKKIKNDGSLGDEANHNESLLAGAYTISTLITQKLSKLNGS
EGLKEKIAAAKKCSEEFSTKLKDNHAQLGIQGVTDENAKKAILKANAAGKDKGVEELEKLSGSLESLSKAAKEMLANSVK
ELTSP
;
_entity_poly.pdbx_strand_id   A,B
#
# COMPACT_ATOMS: atom_id res chain seq x y z
N PRO A 3 16.08 -8.41 34.64
CA PRO A 3 15.41 -7.68 33.56
C PRO A 3 14.23 -6.86 34.09
N ASN A 4 14.26 -5.54 33.91
CA ASN A 4 13.13 -4.71 34.30
C ASN A 4 12.02 -4.93 33.27
N LEU A 5 11.04 -5.76 33.64
CA LEU A 5 10.03 -6.20 32.68
C LEU A 5 9.06 -5.08 32.32
N THR A 6 8.78 -4.15 33.23
CA THR A 6 7.92 -3.03 32.87
C THR A 6 8.55 -2.17 31.77
N GLU A 7 9.80 -1.81 31.97
CA GLU A 7 10.49 -0.96 31.01
C GLU A 7 10.75 -1.70 29.70
N ILE A 8 11.14 -2.99 29.75
CA ILE A 8 11.30 -3.74 28.51
C ILE A 8 9.96 -3.83 27.77
N SER A 9 8.86 -4.01 28.49
N SER A 9 8.86 -4.04 28.50
CA SER A 9 7.56 -4.07 27.83
CA SER A 9 7.53 -4.05 27.89
C SER A 9 7.25 -2.78 27.08
C SER A 9 7.25 -2.78 27.10
N LYS A 10 7.59 -1.63 27.66
CA LYS A 10 7.36 -0.37 26.98
C LYS A 10 8.26 -0.24 25.77
N LYS A 11 9.52 -0.66 25.87
CA LYS A 11 10.39 -0.61 24.69
C LYS A 11 9.86 -1.49 23.57
N ILE A 12 9.36 -2.68 23.91
CA ILE A 12 8.81 -3.55 22.88
C ILE A 12 7.60 -2.89 22.23
N THR A 13 6.67 -2.36 23.05
CA THR A 13 5.48 -1.71 22.49
C THR A 13 5.85 -0.56 21.57
N ASP A 14 6.75 0.31 22.02
CA ASP A 14 7.12 1.46 21.21
C ASP A 14 7.84 1.03 19.93
N SER A 15 8.76 0.05 20.03
CA SER A 15 9.45 -0.41 18.83
C SER A 15 8.47 -1.07 17.87
N ASN A 16 7.47 -1.81 18.37
CA ASN A 16 6.50 -2.42 17.46
C ASN A 16 5.71 -1.34 16.75
N ALA A 17 5.36 -0.26 17.46
CA ALA A 17 4.58 0.80 16.85
C ALA A 17 5.35 1.50 15.73
N VAL A 18 6.64 1.77 15.93
CA VAL A 18 7.46 2.32 14.84
C VAL A 18 7.53 1.35 13.68
N LEU A 19 7.82 0.09 13.97
CA LEU A 19 7.99 -0.87 12.90
C LEU A 19 6.70 -1.03 12.11
N LEU A 20 5.55 -1.00 12.78
CA LEU A 20 4.28 -1.09 12.05
C LEU A 20 4.12 0.06 11.08
N ALA A 21 4.46 1.27 11.51
CA ALA A 21 4.32 2.42 10.64
C ALA A 21 5.28 2.36 9.47
N VAL A 22 6.51 1.89 9.71
CA VAL A 22 7.48 1.71 8.63
C VAL A 22 6.97 0.66 7.64
N LYS A 23 6.40 -0.45 8.14
CA LYS A 23 5.90 -1.51 7.28
C LYS A 23 4.76 -0.98 6.40
N GLU A 24 3.92 -0.11 6.96
CA GLU A 24 2.83 0.45 6.16
C GLU A 24 3.38 1.32 5.03
N VAL A 25 4.40 2.14 5.31
CA VAL A 25 5.00 2.94 4.25
C VAL A 25 5.68 2.04 3.21
N GLU A 26 6.37 0.97 3.62
CA GLU A 26 6.99 0.06 2.66
C GLU A 26 5.95 -0.59 1.76
N ALA A 27 4.80 -0.92 2.31
CA ALA A 27 3.74 -1.54 1.53
C ALA A 27 3.16 -0.54 0.55
N LEU A 28 3.04 0.73 0.95
CA LEU A 28 2.59 1.72 -0.02
C LEU A 28 3.58 1.85 -1.16
N LEU A 29 4.87 1.79 -0.87
CA LEU A 29 5.87 1.78 -1.95
C LEU A 29 5.70 0.56 -2.83
N SER A 30 5.45 -0.61 -2.25
CA SER A 30 5.19 -1.81 -3.01
C SER A 30 4.00 -1.64 -3.94
N SER A 31 2.99 -0.89 -3.50
CA SER A 31 1.82 -0.69 -4.34
C SER A 31 2.18 0.08 -5.60
N ILE A 32 3.15 0.99 -5.51
CA ILE A 32 3.59 1.72 -6.71
C ILE A 32 4.30 0.78 -7.67
N ASP A 33 5.06 -0.18 -7.19
CA ASP A 33 5.63 -1.20 -8.07
C ASP A 33 4.53 -2.01 -8.80
N GLU A 34 3.44 -2.32 -8.10
CA GLU A 34 2.31 -2.98 -8.74
C GLU A 34 1.68 -2.09 -9.79
N LEU A 35 1.50 -0.80 -9.48
CA LEU A 35 0.95 0.10 -10.48
C LEU A 35 1.82 0.08 -11.72
N ALA A 36 3.12 0.01 -11.55
CA ALA A 36 4.00 0.07 -12.71
C ALA A 36 3.76 -1.12 -13.63
N LYS A 37 3.32 -2.26 -13.11
CA LYS A 37 2.99 -3.43 -13.93
C LYS A 37 1.78 -3.18 -14.82
N ALA A 38 0.98 -2.17 -14.50
CA ALA A 38 -0.22 -1.85 -15.24
C ALA A 38 -0.03 -0.74 -16.26
N ILE A 39 1.20 -0.23 -16.40
CA ILE A 39 1.46 0.76 -17.44
C ILE A 39 1.09 0.20 -18.80
N GLY A 40 0.26 0.94 -19.53
CA GLY A 40 -0.14 0.53 -20.87
C GLY A 40 -1.01 -0.69 -20.90
N LYS A 41 -1.72 -0.96 -19.81
CA LYS A 41 -2.55 -2.16 -19.69
C LYS A 41 -4.00 -1.86 -19.35
N LYS A 42 -4.83 -2.88 -19.59
CA LYS A 42 -6.24 -2.91 -19.27
C LYS A 42 -6.57 -4.31 -18.75
N ILE A 43 -7.64 -4.38 -17.95
CA ILE A 43 -8.16 -5.66 -17.47
C ILE A 43 -8.90 -6.39 -18.58
N LYS A 44 -8.46 -7.58 -18.89
CA LYS A 44 -9.13 -8.44 -19.86
C LYS A 44 -10.14 -9.35 -19.19
N ASN A 45 -11.07 -9.86 -20.01
CA ASN A 45 -12.14 -10.71 -19.50
C ASN A 45 -11.61 -12.01 -18.91
N ASP A 46 -10.45 -12.45 -19.41
CA ASP A 46 -9.83 -13.68 -18.91
C ASP A 46 -9.02 -13.46 -17.63
N GLY A 47 -9.01 -12.25 -17.06
CA GLY A 47 -8.30 -11.95 -15.85
C GLY A 47 -6.86 -11.57 -16.02
N SER A 48 -6.34 -11.64 -17.25
CA SER A 48 -5.00 -11.13 -17.51
C SER A 48 -5.02 -9.63 -17.75
N LEU A 49 -3.83 -9.02 -17.77
CA LEU A 49 -3.71 -7.66 -18.26
C LEU A 49 -3.40 -7.66 -19.75
N GLY A 50 -4.20 -6.96 -20.50
CA GLY A 50 -4.00 -6.80 -21.93
C GLY A 50 -3.36 -5.48 -22.27
N ASP A 51 -2.76 -5.41 -23.47
CA ASP A 51 -2.09 -4.20 -23.89
C ASP A 51 -3.07 -3.16 -24.36
N GLU A 52 -2.90 -1.92 -23.84
CA GLU A 52 -3.57 -0.75 -24.37
C GLU A 52 -2.65 0.44 -24.08
N ALA A 53 -1.76 0.70 -25.01
CA ALA A 53 -0.67 1.63 -24.77
C ALA A 53 -1.14 3.07 -24.71
N ASN A 54 -0.46 3.84 -23.86
CA ASN A 54 -0.36 5.29 -23.94
C ASN A 54 -1.62 6.00 -23.42
N HIS A 55 -2.17 5.52 -22.30
CA HIS A 55 -3.25 6.20 -21.60
C HIS A 55 -2.96 6.19 -20.10
N ASN A 56 -1.77 6.63 -19.72
CA ASN A 56 -1.29 6.38 -18.36
C ASN A 56 -1.47 7.55 -17.38
N GLU A 57 -2.12 8.63 -17.77
CA GLU A 57 -2.18 9.82 -16.90
C GLU A 57 -2.84 9.55 -15.53
N SER A 58 -3.98 8.88 -15.48
CA SER A 58 -4.63 8.68 -14.20
C SER A 58 -3.95 7.61 -13.37
N LEU A 59 -3.31 6.61 -14.00
CA LEU A 59 -2.43 5.71 -13.27
C LEU A 59 -1.30 6.47 -12.58
N LEU A 60 -0.68 7.41 -13.28
CA LEU A 60 0.39 8.18 -12.64
C LEU A 60 -0.15 9.13 -11.60
N ALA A 61 -1.36 9.66 -11.77
CA ALA A 61 -1.95 10.47 -10.71
C ALA A 61 -2.17 9.62 -9.46
N GLY A 62 -2.47 8.33 -9.65
CA GLY A 62 -2.58 7.44 -8.50
C GLY A 62 -1.26 7.23 -7.82
N ALA A 63 -0.19 7.04 -8.59
CA ALA A 63 1.13 6.91 -7.97
C ALA A 63 1.48 8.18 -7.20
N TYR A 64 1.13 9.34 -7.75
CA TYR A 64 1.41 10.62 -7.10
C TYR A 64 0.65 10.74 -5.78
N THR A 65 -0.63 10.38 -5.79
N THR A 65 -0.65 10.39 -5.79
CA THR A 65 -1.42 10.44 -4.57
CA THR A 65 -1.42 10.45 -4.54
C THR A 65 -0.86 9.51 -3.51
C THR A 65 -0.84 9.52 -3.50
N ILE A 66 -0.42 8.31 -3.91
CA ILE A 66 0.21 7.41 -2.94
C ILE A 66 1.49 8.05 -2.40
N SER A 67 2.27 8.71 -3.26
CA SER A 67 3.52 9.33 -2.83
C SER A 67 3.28 10.41 -1.79
N THR A 68 2.19 11.17 -1.90
CA THR A 68 1.95 12.23 -0.91
C THR A 68 1.49 11.62 0.42
N LEU A 69 0.80 10.48 0.37
CA LEU A 69 0.44 9.76 1.58
C LEU A 69 1.67 9.22 2.29
N ILE A 70 2.63 8.70 1.54
CA ILE A 70 3.90 8.27 2.13
C ILE A 70 4.55 9.43 2.87
N THR A 71 4.62 10.59 2.23
CA THR A 71 5.24 11.75 2.88
C THR A 71 4.50 12.11 4.15
N GLN A 72 3.16 12.09 4.13
CA GLN A 72 2.42 12.44 5.33
C GLN A 72 2.68 11.48 6.47
N LYS A 73 2.78 10.17 6.17
CA LYS A 73 3.11 9.21 7.23
C LYS A 73 4.52 9.46 7.78
N LEU A 74 5.49 9.75 6.90
CA LEU A 74 6.84 9.98 7.40
C LEU A 74 6.96 11.31 8.14
N SER A 75 6.12 12.28 7.80
CA SER A 75 6.11 13.60 8.46
C SER A 75 5.68 13.53 9.91
N LYS A 76 4.95 12.48 10.28
CA LYS A 76 4.42 12.26 11.61
C LYS A 76 5.20 11.23 12.39
N LEU A 77 5.87 10.32 11.72
CA LEU A 77 6.52 9.20 12.41
C LEU A 77 7.80 9.66 13.11
N ASN A 78 8.03 9.17 14.34
CA ASN A 78 9.32 9.35 15.01
C ASN A 78 9.60 8.14 15.90
N GLY A 79 10.86 7.99 16.28
CA GLY A 79 11.27 6.95 17.22
C GLY A 79 12.42 7.39 18.11
N GLU A 81 15.75 7.83 18.92
CA GLU A 81 17.20 7.93 19.05
C GLU A 81 17.91 7.90 17.69
N GLY A 82 18.39 6.71 17.30
CA GLY A 82 19.07 6.55 16.04
C GLY A 82 18.15 6.27 14.87
N LEU A 83 16.85 6.52 15.01
CA LEU A 83 15.94 6.49 13.86
C LEU A 83 15.61 7.88 13.33
N LYS A 84 15.86 8.93 14.11
CA LYS A 84 15.45 10.27 13.74
C LYS A 84 16.03 10.67 12.39
N GLU A 85 17.34 10.46 12.20
CA GLU A 85 17.98 10.81 10.93
C GLU A 85 17.45 9.96 9.79
N LYS A 86 17.23 8.67 10.02
CA LYS A 86 16.74 7.83 8.93
C LYS A 86 15.32 8.21 8.51
N ILE A 87 14.47 8.61 9.46
CA ILE A 87 13.14 9.03 9.10
C ILE A 87 13.18 10.33 8.30
N ALA A 88 13.98 11.30 8.78
CA ALA A 88 14.07 12.57 8.04
C ALA A 88 14.59 12.33 6.64
N ALA A 89 15.55 11.43 6.48
CA ALA A 89 16.09 11.14 5.17
C ALA A 89 15.03 10.53 4.25
N ALA A 90 14.25 9.59 4.77
CA ALA A 90 13.20 8.99 3.98
C ALA A 90 12.13 10.02 3.61
N LYS A 91 11.81 10.92 4.54
CA LYS A 91 10.81 11.95 4.24
C LYS A 91 11.28 12.83 3.09
N LYS A 92 12.56 13.25 3.14
CA LYS A 92 13.14 14.06 2.05
C LYS A 92 13.07 13.33 0.73
N CYS A 93 13.50 12.05 0.71
CA CYS A 93 13.42 11.25 -0.52
C CYS A 93 12.00 11.16 -1.06
N SER A 94 11.04 11.03 -0.16
CA SER A 94 9.65 10.93 -0.62
C SER A 94 9.20 12.23 -1.27
N GLU A 95 9.59 13.37 -0.71
CA GLU A 95 9.30 14.65 -1.31
C GLU A 95 9.99 14.81 -2.67
N GLU A 96 11.24 14.33 -2.81
CA GLU A 96 11.94 14.50 -4.08
C GLU A 96 11.26 13.68 -5.17
N PHE A 97 10.72 12.52 -4.82
CA PHE A 97 9.94 11.72 -5.76
C PHE A 97 8.69 12.47 -6.21
N SER A 98 7.85 12.93 -5.26
CA SER A 98 6.67 13.69 -5.68
C SER A 98 7.04 14.90 -6.50
N THR A 99 8.08 15.65 -6.11
CA THR A 99 8.49 16.84 -6.83
C THR A 99 8.90 16.50 -8.28
N LYS A 100 9.62 15.40 -8.47
CA LYS A 100 10.04 15.01 -9.82
C LYS A 100 8.83 14.71 -10.68
N LEU A 101 7.84 14.02 -10.13
CA LEU A 101 6.64 13.74 -10.92
C LEU A 101 5.95 15.03 -11.33
N LYS A 102 5.75 15.95 -10.39
CA LYS A 102 5.08 17.21 -10.68
C LYS A 102 5.87 18.04 -11.68
N ASP A 103 7.18 18.08 -11.51
CA ASP A 103 8.03 18.86 -12.42
C ASP A 103 7.93 18.36 -13.86
N ASN A 104 7.61 17.07 -14.03
CA ASN A 104 7.50 16.46 -15.35
C ASN A 104 6.05 16.37 -15.80
N HIS A 105 5.21 17.29 -15.35
CA HIS A 105 3.80 17.27 -15.75
C HIS A 105 3.62 17.35 -17.26
N ALA A 106 4.52 17.98 -18.00
CA ALA A 106 4.30 18.13 -19.44
C ALA A 106 4.39 16.81 -20.16
N GLN A 107 4.96 15.79 -19.54
CA GLN A 107 4.97 14.43 -20.06
C GLN A 107 4.16 13.44 -19.24
N LEU A 108 3.97 13.70 -17.94
CA LEU A 108 3.29 12.76 -17.07
C LEU A 108 1.87 13.15 -16.70
N GLY A 109 1.47 14.37 -17.05
CA GLY A 109 0.18 14.95 -16.70
C GLY A 109 -0.52 15.59 -17.89
N ILE A 110 -0.66 14.79 -18.95
CA ILE A 110 -1.33 15.20 -20.18
C ILE A 110 -2.28 14.09 -20.58
N GLN A 111 -3.15 14.41 -21.51
CA GLN A 111 -3.96 13.39 -22.13
C GLN A 111 -3.06 12.50 -22.99
N GLY A 112 -3.06 11.23 -22.71
CA GLY A 112 -2.29 10.26 -23.47
C GLY A 112 -0.84 10.07 -23.04
N VAL A 113 -0.61 9.95 -21.72
CA VAL A 113 0.75 9.76 -21.22
C VAL A 113 1.26 8.43 -21.75
N THR A 114 2.43 8.45 -22.38
CA THR A 114 2.95 7.28 -23.07
C THR A 114 3.49 6.27 -22.07
N ASP A 115 3.48 5.01 -22.51
CA ASP A 115 4.09 3.96 -21.72
C ASP A 115 5.55 4.29 -21.42
N GLU A 116 6.29 4.78 -22.39
CA GLU A 116 7.71 5.07 -22.19
C GLU A 116 7.92 6.10 -21.10
N ASN A 117 7.12 7.16 -21.07
CA ASN A 117 7.30 8.17 -20.05
C ASN A 117 6.84 7.68 -18.68
N ALA A 118 5.75 6.92 -18.64
CA ALA A 118 5.31 6.37 -17.37
C ALA A 118 6.36 5.44 -16.77
N LYS A 119 7.02 4.63 -17.60
CA LYS A 119 8.09 3.76 -17.11
C LYS A 119 9.24 4.55 -16.51
N LYS A 120 9.57 5.70 -17.11
CA LYS A 120 10.65 6.52 -16.59
C LYS A 120 10.27 7.14 -15.24
N ALA A 121 9.00 7.18 -14.91
CA ALA A 121 8.51 7.73 -13.67
C ALA A 121 8.44 6.67 -12.55
N ILE A 122 8.01 5.42 -12.85
CA ILE A 122 7.70 4.49 -11.78
C ILE A 122 8.11 3.03 -12.02
N LEU A 123 8.70 2.66 -13.13
CA LEU A 123 9.09 1.26 -13.38
C LEU A 123 10.59 1.08 -13.09
N LYS A 124 10.91 0.39 -12.01
CA LYS A 124 12.29 0.27 -11.57
C LYS A 124 13.18 -0.41 -12.58
N ALA A 125 12.64 -1.35 -13.34
CA ALA A 125 13.29 -2.07 -14.42
C ALA A 125 13.54 -1.21 -15.65
N ASN A 126 13.03 0.01 -15.69
CA ASN A 126 13.41 0.92 -16.74
C ASN A 126 14.92 1.11 -16.71
N ALA A 127 15.51 1.27 -17.90
CA ALA A 127 16.95 1.50 -18.02
C ALA A 127 17.32 2.83 -17.41
N LYS A 130 16.88 10.35 -18.65
CA LYS A 130 16.23 9.05 -18.52
C LYS A 130 15.19 9.07 -17.39
N ASP A 131 15.53 9.77 -16.31
CA ASP A 131 14.74 9.74 -15.08
C ASP A 131 13.58 10.74 -15.16
N LYS A 132 12.36 10.25 -14.94
CA LYS A 132 11.19 11.11 -14.72
C LYS A 132 10.54 10.79 -13.38
N GLY A 133 11.32 10.20 -12.48
CA GLY A 133 10.83 9.86 -11.16
C GLY A 133 11.37 8.55 -10.64
N VAL A 134 11.74 7.62 -11.53
CA VAL A 134 12.03 6.28 -11.04
C VAL A 134 13.32 6.22 -10.21
N GLU A 135 14.32 7.04 -10.51
CA GLU A 135 15.51 7.08 -9.68
C GLU A 135 15.20 7.57 -8.29
N GLU A 136 14.29 8.56 -8.17
CA GLU A 136 13.86 9.01 -6.85
C GLU A 136 13.05 7.93 -6.13
N LEU A 137 12.26 7.17 -6.87
CA LEU A 137 11.52 6.06 -6.28
C LEU A 137 12.47 5.01 -5.74
N GLU A 138 13.54 4.70 -6.48
CA GLU A 138 14.54 3.74 -6.03
C GLU A 138 15.27 4.25 -4.79
N LYS A 139 15.65 5.53 -4.75
CA LYS A 139 16.33 6.06 -3.56
C LYS A 139 15.41 6.01 -2.34
N LEU A 140 14.14 6.35 -2.53
CA LEU A 140 13.15 6.25 -1.47
C LEU A 140 13.06 4.81 -0.96
N SER A 141 12.97 3.82 -1.86
CA SER A 141 12.96 2.43 -1.44
C SER A 141 14.19 2.10 -0.61
N GLY A 142 15.39 2.53 -1.04
CA GLY A 142 16.58 2.25 -0.26
C GLY A 142 16.53 2.90 1.11
N SER A 143 16.00 4.13 1.17
CA SER A 143 15.94 4.82 2.45
C SER A 143 14.98 4.13 3.40
N LEU A 144 13.87 3.59 2.88
CA LEU A 144 12.95 2.86 3.73
C LEU A 144 13.54 1.52 4.18
N GLU A 145 14.31 0.84 3.30
CA GLU A 145 14.95 -0.41 3.71
C GLU A 145 15.90 -0.17 4.86
N SER A 146 16.64 0.95 4.83
CA SER A 146 17.56 1.23 5.92
C SER A 146 16.80 1.50 7.21
N LEU A 147 15.73 2.26 7.10
CA LEU A 147 14.90 2.57 8.26
C LEU A 147 14.29 1.31 8.83
N SER A 148 13.75 0.44 7.97
CA SER A 148 13.18 -0.83 8.41
C SER A 148 14.23 -1.67 9.14
N LYS A 149 15.42 -1.82 8.56
CA LYS A 149 16.44 -2.62 9.20
C LYS A 149 16.74 -2.12 10.60
N ALA A 150 16.84 -0.80 10.76
CA ALA A 150 17.16 -0.23 12.07
C ALA A 150 16.01 -0.41 13.04
N ALA A 151 14.77 -0.24 12.57
CA ALA A 151 13.60 -0.46 13.42
C ALA A 151 13.50 -1.92 13.85
N LYS A 152 13.80 -2.84 12.94
CA LYS A 152 13.71 -4.26 13.29
C LYS A 152 14.79 -4.62 14.29
N GLU A 153 15.98 -4.05 14.13
CA GLU A 153 17.05 -4.34 15.08
C GLU A 153 16.73 -3.81 16.46
N MET A 154 16.06 -2.65 16.55
CA MET A 154 15.67 -2.17 17.87
C MET A 154 14.65 -3.07 18.53
N LEU A 155 13.65 -3.53 17.79
CA LEU A 155 12.69 -4.46 18.39
C LEU A 155 13.39 -5.76 18.80
N ALA A 156 14.22 -6.32 17.93
CA ALA A 156 14.92 -7.56 18.25
C ALA A 156 15.74 -7.42 19.51
N ASN A 157 16.41 -6.27 19.68
CA ASN A 157 17.23 -6.05 20.88
C ASN A 157 16.36 -5.97 22.15
N SER A 158 15.19 -5.34 22.07
CA SER A 158 14.32 -5.24 23.25
C SER A 158 13.76 -6.61 23.63
N VAL A 159 13.33 -7.39 22.64
CA VAL A 159 12.85 -8.75 22.92
C VAL A 159 13.97 -9.61 23.49
N LYS A 160 15.21 -9.44 22.99
CA LYS A 160 16.30 -10.27 23.48
C LYS A 160 16.57 -10.04 24.97
N GLU A 161 16.36 -8.82 25.48
CA GLU A 161 16.62 -8.54 26.89
C GLU A 161 15.78 -9.41 27.82
N LEU A 162 14.67 -9.95 27.33
CA LEU A 162 13.88 -10.88 28.12
C LEU A 162 14.64 -12.16 28.40
N THR A 163 15.66 -12.46 27.59
CA THR A 163 16.44 -13.70 27.65
C THR A 163 15.67 -14.86 28.25
N ASN B 4 6.84 -17.10 32.55
CA ASN B 4 7.77 -17.87 31.72
C ASN B 4 8.17 -17.06 30.50
N LEU B 5 9.34 -16.43 30.59
CA LEU B 5 9.69 -15.39 29.62
C LEU B 5 10.05 -15.98 28.26
N THR B 6 10.55 -17.21 28.21
CA THR B 6 10.85 -17.83 26.92
C THR B 6 9.58 -18.04 26.11
N GLU B 7 8.54 -18.58 26.74
CA GLU B 7 7.29 -18.78 26.06
C GLU B 7 6.65 -17.45 25.67
N ILE B 8 6.70 -16.45 26.57
CA ILE B 8 6.08 -15.15 26.29
C ILE B 8 6.84 -14.44 25.18
N SER B 9 8.17 -14.56 25.17
CA SER B 9 8.93 -13.91 24.10
C SER B 9 8.52 -14.48 22.74
N LYS B 10 8.46 -15.80 22.63
CA LYS B 10 7.99 -16.43 21.40
C LYS B 10 6.63 -15.91 21.01
N LYS B 11 5.71 -15.80 21.96
CA LYS B 11 4.36 -15.33 21.62
C LYS B 11 4.41 -13.90 21.11
N ILE B 12 5.26 -13.07 21.70
CA ILE B 12 5.39 -11.68 21.26
C ILE B 12 5.98 -11.60 19.85
N THR B 13 7.07 -12.34 19.60
CA THR B 13 7.69 -12.26 18.28
C THR B 13 6.79 -12.83 17.19
N ASP B 14 6.11 -13.94 17.47
CA ASP B 14 5.18 -14.50 16.49
C ASP B 14 3.98 -13.58 16.27
N SER B 15 3.45 -12.97 17.34
CA SER B 15 2.32 -12.07 17.19
C SER B 15 2.73 -10.81 16.45
N ASN B 16 3.95 -10.30 16.73
CA ASN B 16 4.44 -9.14 15.97
C ASN B 16 4.55 -9.47 14.51
N ALA B 17 5.07 -10.66 14.18
CA ALA B 17 5.24 -11.00 12.78
C ALA B 17 3.90 -11.11 12.05
N VAL B 18 2.90 -11.71 12.69
CA VAL B 18 1.57 -11.80 12.08
C VAL B 18 0.95 -10.42 11.89
N LEU B 19 1.05 -9.58 12.92
CA LEU B 19 0.51 -8.24 12.84
C LEU B 19 1.17 -7.46 11.71
N LEU B 20 2.49 -7.56 11.60
CA LEU B 20 3.17 -6.87 10.49
C LEU B 20 2.62 -7.32 9.15
N ALA B 21 2.46 -8.64 8.98
CA ALA B 21 1.97 -9.13 7.70
C ALA B 21 0.55 -8.64 7.43
N VAL B 22 -0.29 -8.60 8.46
CA VAL B 22 -1.64 -8.08 8.29
C VAL B 22 -1.62 -6.61 7.93
N LYS B 23 -0.79 -5.82 8.60
CA LYS B 23 -0.70 -4.40 8.32
C LYS B 23 -0.23 -4.13 6.90
N GLU B 24 0.66 -4.97 6.37
CA GLU B 24 1.07 -4.85 4.97
C GLU B 24 -0.14 -4.96 4.05
N VAL B 25 -0.99 -5.98 4.27
CA VAL B 25 -2.18 -6.15 3.44
C VAL B 25 -3.13 -4.98 3.62
N GLU B 26 -3.37 -4.52 4.84
CA GLU B 26 -4.23 -3.35 5.05
C GLU B 26 -3.70 -2.12 4.31
N ALA B 27 -2.38 -1.92 4.30
CA ALA B 27 -1.78 -0.80 3.59
C ALA B 27 -1.94 -0.94 2.06
N LEU B 28 -1.83 -2.17 1.54
CA LEU B 28 -2.17 -2.35 0.12
C LEU B 28 -3.61 -1.95 -0.16
N LEU B 29 -4.54 -2.32 0.70
CA LEU B 29 -5.93 -1.90 0.52
C LEU B 29 -6.04 -0.38 0.59
N SER B 30 -5.31 0.26 1.52
CA SER B 30 -5.26 1.71 1.58
C SER B 30 -4.80 2.33 0.28
N SER B 31 -3.85 1.71 -0.40
CA SER B 31 -3.35 2.29 -1.64
C SER B 31 -4.45 2.30 -2.69
N ILE B 32 -5.36 1.33 -2.67
CA ILE B 32 -6.47 1.35 -3.63
C ILE B 32 -7.40 2.52 -3.31
N ASP B 33 -7.60 2.82 -2.04
CA ASP B 33 -8.38 3.99 -1.69
C ASP B 33 -7.73 5.27 -2.20
N GLU B 34 -6.39 5.32 -2.23
CA GLU B 34 -5.71 6.48 -2.79
C GLU B 34 -5.81 6.52 -4.30
N LEU B 35 -5.71 5.37 -4.94
CA LEU B 35 -5.97 5.32 -6.40
C LEU B 35 -7.33 5.88 -6.75
N ALA B 36 -8.35 5.55 -5.96
CA ALA B 36 -9.69 6.01 -6.21
C ALA B 36 -9.75 7.53 -6.24
N LYS B 37 -8.90 8.21 -5.45
CA LYS B 37 -8.85 9.68 -5.50
C LYS B 37 -8.34 10.22 -6.82
N ALA B 38 -7.64 9.39 -7.61
CA ALA B 38 -7.07 9.81 -8.87
C ALA B 38 -7.95 9.50 -10.07
N ILE B 39 -9.15 8.95 -9.85
CA ILE B 39 -10.05 8.69 -10.94
C ILE B 39 -10.33 9.99 -11.69
N GLY B 40 -10.17 9.96 -13.02
CA GLY B 40 -10.46 11.13 -13.80
C GLY B 40 -9.47 12.26 -13.64
N LYS B 41 -8.27 11.99 -13.12
CA LYS B 41 -7.33 13.05 -12.79
C LYS B 41 -6.01 12.91 -13.53
N LYS B 42 -5.28 14.03 -13.53
CA LYS B 42 -3.90 14.09 -13.97
C LYS B 42 -3.09 14.92 -12.98
N ILE B 43 -1.77 14.71 -12.99
CA ILE B 43 -0.84 15.49 -12.15
C ILE B 43 -0.70 16.89 -12.73
N LYS B 44 -0.85 17.91 -11.90
CA LYS B 44 -0.59 19.28 -12.30
C LYS B 44 0.76 19.81 -11.80
N ASN B 45 1.25 20.85 -12.48
CA ASN B 45 2.52 21.47 -12.09
C ASN B 45 2.51 21.96 -10.64
N ASP B 46 1.38 22.37 -10.10
CA ASP B 46 1.34 22.94 -8.75
C ASP B 46 1.12 21.91 -7.67
N GLY B 47 1.16 20.62 -8.02
CA GLY B 47 1.07 19.53 -7.08
C GLY B 47 -0.33 19.06 -6.81
N SER B 48 -1.34 19.75 -7.30
CA SER B 48 -2.71 19.27 -7.20
C SER B 48 -3.03 18.31 -8.33
N LEU B 49 -4.15 17.62 -8.18
CA LEU B 49 -4.75 16.82 -9.24
C LEU B 49 -5.74 17.66 -10.02
N GLY B 50 -5.57 17.65 -11.36
CA GLY B 50 -6.46 18.31 -12.28
C GLY B 50 -7.35 17.30 -13.01
N ASP B 51 -8.41 17.81 -13.65
CA ASP B 51 -9.38 16.91 -14.28
C ASP B 51 -8.89 16.49 -15.67
N GLU B 52 -8.95 15.18 -15.95
CA GLU B 52 -8.74 14.65 -17.30
C GLU B 52 -9.63 13.41 -17.36
N ALA B 53 -10.93 13.65 -17.57
CA ALA B 53 -11.94 12.62 -17.35
C ALA B 53 -11.89 11.49 -18.37
N ASN B 54 -12.24 10.30 -17.88
CA ASN B 54 -12.65 9.14 -18.67
C ASN B 54 -11.46 8.47 -19.36
N HIS B 55 -10.35 8.31 -18.66
CA HIS B 55 -9.21 7.52 -19.12
C HIS B 55 -8.69 6.63 -18.01
N ASN B 56 -9.59 5.85 -17.40
CA ASN B 56 -9.26 5.20 -16.13
C ASN B 56 -8.82 3.73 -16.26
N GLU B 57 -8.75 3.17 -17.47
CA GLU B 57 -8.50 1.74 -17.61
C GLU B 57 -7.15 1.30 -17.03
N SER B 58 -6.06 2.04 -17.26
CA SER B 58 -4.80 1.57 -16.66
C SER B 58 -4.77 1.81 -15.16
N LEU B 59 -5.42 2.85 -14.66
CA LEU B 59 -5.55 3.02 -13.21
C LEU B 59 -6.26 1.80 -12.60
N LEU B 60 -7.37 1.35 -13.21
CA LEU B 60 -8.08 0.19 -12.71
C LEU B 60 -7.25 -1.08 -12.87
N ALA B 61 -6.45 -1.20 -13.91
CA ALA B 61 -5.56 -2.35 -14.04
C ALA B 61 -4.57 -2.37 -12.89
N GLY B 62 -4.13 -1.20 -12.46
CA GLY B 62 -3.30 -1.08 -11.25
C GLY B 62 -4.01 -1.54 -10.00
N ALA B 63 -5.22 -1.07 -9.78
CA ALA B 63 -5.99 -1.53 -8.63
C ALA B 63 -6.15 -3.04 -8.67
N TYR B 64 -6.45 -3.60 -9.83
CA TYR B 64 -6.62 -5.02 -10.00
C TYR B 64 -5.35 -5.77 -9.68
N THR B 65 -4.20 -5.31 -10.16
CA THR B 65 -2.92 -5.92 -9.82
C THR B 65 -2.68 -5.92 -8.32
N ILE B 66 -2.94 -4.80 -7.65
CA ILE B 66 -2.77 -4.74 -6.21
C ILE B 66 -3.70 -5.76 -5.55
N SER B 67 -4.94 -5.86 -6.07
CA SER B 67 -5.91 -6.78 -5.45
C SER B 67 -5.43 -8.23 -5.53
N THR B 68 -4.75 -8.64 -6.59
CA THR B 68 -4.28 -10.00 -6.64
C THR B 68 -3.08 -10.22 -5.71
N LEU B 69 -2.28 -9.16 -5.50
CA LEU B 69 -1.20 -9.25 -4.53
C LEU B 69 -1.75 -9.42 -3.12
N ILE B 70 -2.84 -8.71 -2.81
CA ILE B 70 -3.47 -8.88 -1.50
C ILE B 70 -3.83 -10.35 -1.25
N THR B 71 -4.43 -11.01 -2.23
CA THR B 71 -4.79 -12.41 -2.09
C THR B 71 -3.56 -13.28 -1.86
N GLN B 72 -2.49 -13.02 -2.62
CA GLN B 72 -1.27 -13.82 -2.46
C GLN B 72 -0.69 -13.66 -1.05
N LYS B 73 -0.66 -12.44 -0.53
CA LYS B 73 -0.10 -12.24 0.80
C LYS B 73 -0.96 -12.92 1.85
N LEU B 74 -2.29 -12.88 1.68
CA LEU B 74 -3.17 -13.53 2.66
C LEU B 74 -3.02 -15.04 2.62
N SER B 75 -2.72 -15.59 1.43
CA SER B 75 -2.52 -17.03 1.30
C SER B 75 -1.34 -17.49 2.13
N LYS B 76 -0.40 -16.61 2.44
CA LYS B 76 0.78 -17.01 3.20
C LYS B 76 0.57 -16.96 4.71
N LEU B 77 -0.57 -16.45 5.18
CA LEU B 77 -0.86 -16.37 6.61
C LEU B 77 -1.61 -17.58 7.17
N GLU B 81 -2.25 -18.93 14.15
CA GLU B 81 -2.95 -19.44 15.33
C GLU B 81 -3.98 -18.46 15.89
N GLY B 82 -5.19 -18.96 16.17
CA GLY B 82 -6.33 -18.16 16.59
C GLY B 82 -6.89 -17.23 15.51
N LEU B 83 -6.33 -17.24 14.33
CA LEU B 83 -6.75 -16.32 13.29
C LEU B 83 -7.22 -17.02 12.04
N LYS B 84 -7.27 -18.35 12.05
CA LYS B 84 -7.60 -19.14 10.85
C LYS B 84 -8.86 -18.65 10.15
N GLU B 85 -9.98 -18.61 10.87
CA GLU B 85 -11.25 -18.22 10.28
C GLU B 85 -11.20 -16.80 9.73
N LYS B 86 -10.59 -15.87 10.46
CA LYS B 86 -10.54 -14.49 9.99
C LYS B 86 -9.64 -14.34 8.78
N ILE B 87 -8.51 -15.06 8.70
CA ILE B 87 -7.69 -15.04 7.48
C ILE B 87 -8.47 -15.64 6.31
N ALA B 88 -9.14 -16.79 6.53
CA ALA B 88 -9.88 -17.41 5.42
C ALA B 88 -10.97 -16.49 4.89
N ALA B 89 -11.67 -15.78 5.79
CA ALA B 89 -12.70 -14.84 5.36
C ALA B 89 -12.11 -13.70 4.54
N ALA B 90 -11.02 -13.11 5.02
CA ALA B 90 -10.35 -12.06 4.29
C ALA B 90 -9.88 -12.54 2.93
N LYS B 91 -9.26 -13.73 2.87
CA LYS B 91 -8.81 -14.26 1.58
C LYS B 91 -9.98 -14.40 0.61
N LYS B 92 -11.10 -14.96 1.08
CA LYS B 92 -12.27 -15.12 0.20
C LYS B 92 -12.77 -13.77 -0.29
N CYS B 93 -12.86 -12.79 0.60
CA CYS B 93 -13.29 -11.45 0.20
C CYS B 93 -12.35 -10.85 -0.81
N SER B 94 -11.06 -11.13 -0.69
CA SER B 94 -10.12 -10.56 -1.63
C SER B 94 -10.29 -11.18 -3.02
N GLU B 95 -10.54 -12.49 -3.08
CA GLU B 95 -10.81 -13.13 -4.37
C GLU B 95 -12.09 -12.58 -5.00
N GLU B 96 -13.12 -12.37 -4.19
CA GLU B 96 -14.38 -11.88 -4.74
C GLU B 96 -14.23 -10.47 -5.31
N PHE B 97 -13.40 -9.63 -4.71
CA PHE B 97 -13.13 -8.29 -5.25
C PHE B 97 -12.40 -8.37 -6.57
N SER B 98 -11.32 -9.14 -6.66
CA SER B 98 -10.64 -9.28 -7.94
C SER B 98 -11.57 -9.81 -9.01
N THR B 99 -12.38 -10.82 -8.68
CA THR B 99 -13.25 -11.44 -9.66
C THR B 99 -14.32 -10.47 -10.12
N LYS B 100 -14.81 -9.60 -9.23
CA LYS B 100 -15.82 -8.62 -9.64
C LYS B 100 -15.23 -7.63 -10.63
N LEU B 101 -13.99 -7.19 -10.42
CA LEU B 101 -13.34 -6.28 -11.35
C LEU B 101 -13.22 -6.92 -12.72
N LYS B 102 -12.66 -8.14 -12.77
CA LYS B 102 -12.50 -8.86 -14.02
C LYS B 102 -13.83 -9.10 -14.73
N ASP B 103 -14.86 -9.44 -13.98
CA ASP B 103 -16.17 -9.74 -14.54
C ASP B 103 -16.81 -8.49 -15.13
N ASN B 104 -16.32 -7.30 -14.74
CA ASN B 104 -16.82 -6.04 -15.25
C ASN B 104 -15.87 -5.44 -16.29
N HIS B 105 -15.09 -6.27 -16.94
CA HIS B 105 -14.17 -5.81 -17.98
C HIS B 105 -14.87 -5.00 -19.06
N ALA B 106 -16.12 -5.30 -19.41
CA ALA B 106 -16.74 -4.61 -20.52
C ALA B 106 -16.87 -3.12 -20.28
N GLN B 107 -16.96 -2.70 -19.02
CA GLN B 107 -16.92 -1.28 -18.67
C GLN B 107 -15.63 -0.82 -18.02
N LEU B 108 -14.83 -1.72 -17.41
CA LEU B 108 -13.64 -1.33 -16.66
C LEU B 108 -12.34 -1.59 -17.40
N GLY B 109 -12.40 -2.32 -18.51
CA GLY B 109 -11.21 -2.67 -19.29
C GLY B 109 -11.30 -2.37 -20.76
N ILE B 110 -11.71 -1.15 -21.06
N ILE B 110 -11.73 -1.16 -21.08
CA ILE B 110 -11.89 -0.67 -22.42
CA ILE B 110 -11.89 -0.70 -22.44
C ILE B 110 -11.09 0.61 -22.58
C ILE B 110 -11.25 0.67 -22.56
N GLN B 111 -11.04 1.11 -23.81
CA GLN B 111 -10.38 2.39 -24.04
C GLN B 111 -11.32 3.50 -23.58
N GLY B 112 -10.89 4.28 -22.63
CA GLY B 112 -11.69 5.38 -22.15
C GLY B 112 -12.69 5.03 -21.07
N VAL B 113 -12.25 4.30 -20.04
CA VAL B 113 -13.14 3.95 -18.93
C VAL B 113 -13.60 5.23 -18.26
N THR B 114 -14.92 5.32 -18.04
CA THR B 114 -15.45 6.57 -17.51
C THR B 114 -15.22 6.70 -16.01
N ASP B 115 -15.16 7.95 -15.54
CA ASP B 115 -15.04 8.22 -14.13
C ASP B 115 -16.16 7.54 -13.36
N GLU B 116 -17.39 7.65 -13.86
CA GLU B 116 -18.52 7.04 -13.18
C GLU B 116 -18.34 5.53 -12.98
N ASN B 117 -17.89 4.81 -14.01
CA ASN B 117 -17.74 3.37 -13.87
C ASN B 117 -16.56 3.00 -12.98
N ALA B 118 -15.48 3.77 -13.07
CA ALA B 118 -14.33 3.55 -12.18
C ALA B 118 -14.75 3.73 -10.72
N LYS B 119 -15.56 4.75 -10.41
CA LYS B 119 -15.98 4.97 -9.03
C LYS B 119 -16.87 3.83 -8.53
N LYS B 120 -17.67 3.20 -9.39
CA LYS B 120 -18.47 2.06 -8.98
C LYS B 120 -17.63 0.82 -8.71
N ALA B 121 -16.36 0.85 -9.11
CA ALA B 121 -15.41 -0.25 -8.90
C ALA B 121 -14.56 -0.08 -7.66
N ILE B 122 -14.05 1.14 -7.38
CA ILE B 122 -13.08 1.28 -6.30
C ILE B 122 -13.24 2.50 -5.38
N LEU B 123 -14.28 3.32 -5.52
CA LEU B 123 -14.49 4.49 -4.65
C LEU B 123 -15.51 4.15 -3.56
N LYS B 124 -15.00 3.91 -2.35
CA LYS B 124 -15.86 3.61 -1.20
C LYS B 124 -16.87 4.71 -0.98
N ALA B 125 -18.04 4.30 -0.51
CA ALA B 125 -19.16 5.20 -0.24
C ALA B 125 -19.64 5.90 -1.51
N ASN B 126 -19.29 5.37 -2.67
CA ASN B 126 -19.80 5.94 -3.91
C ASN B 126 -21.32 5.89 -3.90
N ALA B 127 -21.96 7.06 -3.98
CA ALA B 127 -23.42 7.13 -3.91
C ALA B 127 -24.09 6.65 -5.18
N ALA B 128 -23.36 6.51 -6.28
CA ALA B 128 -23.95 6.06 -7.55
C ALA B 128 -24.06 4.54 -7.62
N ASP B 131 -23.15 -1.65 -8.69
CA ASP B 131 -21.90 -2.05 -8.06
C ASP B 131 -21.00 -2.74 -9.10
N LYS B 132 -19.75 -2.28 -9.23
CA LYS B 132 -18.74 -2.87 -10.12
C LYS B 132 -17.49 -3.25 -9.36
N GLY B 133 -17.61 -3.41 -8.05
CA GLY B 133 -16.47 -3.76 -7.23
C GLY B 133 -16.45 -3.10 -5.88
N VAL B 134 -17.09 -1.94 -5.72
N VAL B 134 -17.10 -1.94 -5.72
CA VAL B 134 -16.93 -1.20 -4.46
CA VAL B 134 -16.92 -1.20 -4.47
C VAL B 134 -17.46 -1.99 -3.29
C VAL B 134 -17.50 -1.95 -3.27
N GLU B 135 -18.64 -2.63 -3.45
CA GLU B 135 -19.20 -3.37 -2.34
C GLU B 135 -18.23 -4.45 -1.88
N GLU B 136 -17.54 -5.08 -2.83
CA GLU B 136 -16.59 -6.11 -2.47
C GLU B 136 -15.34 -5.53 -1.83
N LEU B 137 -14.93 -4.36 -2.28
CA LEU B 137 -13.84 -3.64 -1.65
C LEU B 137 -14.18 -3.31 -0.21
N GLU B 138 -15.40 -2.88 0.03
N GLU B 138 -15.40 -2.86 0.03
CA GLU B 138 -15.77 -2.52 1.39
CA GLU B 138 -15.82 -2.50 1.38
C GLU B 138 -15.82 -3.74 2.29
C GLU B 138 -15.86 -3.72 2.29
N LYS B 139 -16.33 -4.87 1.78
CA LYS B 139 -16.33 -6.09 2.58
C LYS B 139 -14.93 -6.56 2.90
N LEU B 140 -14.03 -6.46 1.92
CA LEU B 140 -12.64 -6.80 2.16
C LEU B 140 -12.04 -5.89 3.23
N SER B 141 -12.31 -4.58 3.15
N SER B 141 -12.30 -4.59 3.14
CA SER B 141 -11.77 -3.66 4.14
CA SER B 141 -11.79 -3.66 4.14
C SER B 141 -12.24 -4.02 5.54
C SER B 141 -12.24 -4.05 5.53
N GLY B 142 -13.52 -4.37 5.69
CA GLY B 142 -14.02 -4.76 7.00
C GLY B 142 -13.41 -6.07 7.47
N SER B 143 -13.22 -7.02 6.56
CA SER B 143 -12.59 -8.27 6.96
C SER B 143 -11.12 -8.08 7.39
N LEU B 144 -10.40 -7.15 6.78
CA LEU B 144 -9.02 -6.89 7.19
C LEU B 144 -8.98 -6.11 8.48
N GLU B 145 -9.93 -5.19 8.69
CA GLU B 145 -10.04 -4.54 9.99
C GLU B 145 -10.29 -5.55 11.11
N SER B 146 -11.16 -6.53 10.89
CA SER B 146 -11.41 -7.54 11.92
C SER B 146 -10.17 -8.39 12.16
N LEU B 147 -9.47 -8.76 11.10
CA LEU B 147 -8.25 -9.52 11.25
C LEU B 147 -7.19 -8.69 11.98
N SER B 148 -7.04 -7.42 11.60
CA SER B 148 -6.10 -6.54 12.27
C SER B 148 -6.41 -6.41 13.75
N LYS B 149 -7.69 -6.24 14.09
CA LYS B 149 -8.06 -6.10 15.48
C LYS B 149 -7.68 -7.34 16.26
N ALA B 150 -7.93 -8.53 15.69
CA ALA B 150 -7.57 -9.77 16.37
C ALA B 150 -6.06 -9.89 16.54
N ALA B 151 -5.30 -9.57 15.50
CA ALA B 151 -3.84 -9.68 15.59
C ALA B 151 -3.30 -8.68 16.61
N LYS B 152 -3.83 -7.46 16.63
CA LYS B 152 -3.40 -6.48 17.62
C LYS B 152 -3.71 -6.95 19.03
N GLU B 153 -4.88 -7.54 19.23
CA GLU B 153 -5.23 -8.02 20.56
C GLU B 153 -4.28 -9.12 21.03
N MET B 154 -3.93 -10.05 20.12
CA MET B 154 -3.00 -11.11 20.49
C MET B 154 -1.62 -10.56 20.87
N LEU B 155 -1.09 -9.60 20.11
CA LEU B 155 0.17 -8.97 20.53
C LEU B 155 0.02 -8.24 21.87
N ALA B 156 -1.00 -7.38 22.00
CA ALA B 156 -1.15 -6.63 23.24
C ALA B 156 -1.27 -7.55 24.44
N ASN B 157 -2.01 -8.64 24.29
CA ASN B 157 -2.23 -9.52 25.44
C ASN B 157 -0.96 -10.30 25.79
N SER B 158 -0.14 -10.65 24.80
CA SER B 158 1.13 -11.29 25.09
C SER B 158 2.07 -10.34 25.81
N VAL B 159 2.13 -9.08 25.36
CA VAL B 159 3.00 -8.13 26.05
C VAL B 159 2.52 -7.91 27.49
N LYS B 160 1.22 -7.81 27.70
CA LYS B 160 0.69 -7.64 29.05
C LYS B 160 1.10 -8.77 29.99
N GLU B 161 1.40 -9.96 29.46
CA GLU B 161 1.77 -11.07 30.31
C GLU B 161 3.12 -10.86 30.98
N LEU B 162 3.98 -10.02 30.39
CA LEU B 162 5.35 -9.89 30.87
C LEU B 162 5.41 -9.43 32.32
N THR B 163 4.48 -8.57 32.72
CA THR B 163 4.54 -7.95 34.04
C THR B 163 3.52 -8.55 35.00
N SER B 164 2.88 -9.66 34.62
CA SER B 164 1.98 -10.33 35.53
C SER B 164 2.79 -10.94 36.68
N PRO B 165 2.26 -10.94 37.91
CA PRO B 165 3.02 -11.53 39.02
C PRO B 165 2.79 -13.03 39.18
#